data_5LPD
#
_entry.id   5LPD
#
_cell.length_a   70.124
_cell.length_b   70.994
_cell.length_c   72.830
_cell.angle_alpha   90.00
_cell.angle_beta   100.50
_cell.angle_gamma   90.00
#
_symmetry.space_group_name_H-M   'C 1 2 1'
#
loop_
_entity.id
_entity.type
_entity.pdbx_description
1 polymer 'Thrombin light chain'
2 polymer 'Thrombin heavy chain'
3 polymer 'Hirudin variant-2'
4 non-polymer 2-acetamido-2-deoxy-beta-D-glucopyranose
5 non-polymer 'SODIUM ION'
6 non-polymer 'PHOSPHATE ION'
7 non-polymer GLYCEROL
8 non-polymer 'DIMETHYL SULFOXIDE'
9 non-polymer (2~{S})-~{N}-[[2-(aminomethyl)-5-chloranyl-phenyl]methyl]-1-[(2~{R})-2-azanyl-3-cyclohexyl-propanoyl]pyrrolidine-2-carboxamide
10 water water
#
loop_
_entity_poly.entity_id
_entity_poly.type
_entity_poly.pdbx_seq_one_letter_code
_entity_poly.pdbx_strand_id
1 'polypeptide(L)' TFGSGEADCGLRPLFEKKSLEDKTERELLESYIDGR L
2 'polypeptide(L)'
;IVEGSDAEIGMSPWQVMLFRKSPQELLCGASLISDRWVLTAAHCLLYPPWDKNFTENDLLVRIGKHSRTRYERNIEKISM
LEKIYIHPRYNWRENLDRDIALMKLKKPVAFSDYIHPVCLPDRETAASLLQAGYKGRVTGWGNLKETWTANVGKGQPSVL
QVVNLPIVERPVCKDSTRIRITDNMFCAGYKPDEGKRGDACEGDSGGPFVMKSPFNNRWYQMGIVSWGEGCDRDGKYGFY
THVFRLKKWIQKVIDQFGE
;
H
3 'polypeptide(L)' GDFEEIPEE(TYS)LQ I
#
loop_
_chem_comp.id
_chem_comp.type
_chem_comp.name
_chem_comp.formula
71U non-polymer (2~{S})-~{N}-[[2-(aminomethyl)-5-chloranyl-phenyl]methyl]-1-[(2~{R})-2-azanyl-3-cyclohexyl-propanoyl]pyrrolidine-2-carboxamide 'C22 H33 Cl N4 O2'
DMS non-polymer 'DIMETHYL SULFOXIDE' 'C2 H6 O S'
GOL non-polymer GLYCEROL 'C3 H8 O3'
NA non-polymer 'SODIUM ION' 'Na 1'
NAG D-saccharide, beta linking 2-acetamido-2-deoxy-beta-D-glucopyranose 'C8 H15 N O6'
PO4 non-polymer 'PHOSPHATE ION' 'O4 P -3'
#
# COMPACT_ATOMS: atom_id res chain seq x y z
N GLU A 6 -15.84 -3.00 -6.13
CA GLU A 6 -17.08 -2.19 -5.94
C GLU A 6 -17.22 -1.20 -7.08
N ALA A 7 -18.47 -1.00 -7.53
CA ALA A 7 -18.72 -0.03 -8.60
C ALA A 7 -18.32 1.38 -8.19
N ASP A 8 -18.19 1.63 -6.89
CA ASP A 8 -17.78 2.92 -6.34
C ASP A 8 -16.30 2.93 -5.96
N CYS A 9 -15.55 1.90 -6.32
CA CYS A 9 -14.16 1.86 -5.87
C CYS A 9 -13.40 3.08 -6.39
N GLY A 10 -12.40 3.49 -5.61
CA GLY A 10 -11.46 4.49 -6.06
C GLY A 10 -11.97 5.91 -6.13
N LEU A 11 -13.15 6.16 -5.61
CA LEU A 11 -13.75 7.50 -5.54
C LEU A 11 -13.85 7.86 -4.07
N ARG A 12 -13.02 8.80 -3.63
CA ARG A 12 -12.93 9.09 -2.20
C ARG A 12 -14.10 9.96 -1.74
N PRO A 13 -14.74 9.62 -0.62
CA PRO A 13 -15.86 10.45 -0.12
C PRO A 13 -15.51 11.92 0.07
N LEU A 14 -14.31 12.24 0.55
CA LEU A 14 -13.97 13.62 0.86
C LEU A 14 -13.27 14.34 -0.28
N PHE A 15 -13.14 13.70 -1.44
CA PHE A 15 -12.47 14.29 -2.59
C PHE A 15 -13.32 14.09 -3.84
N GLU A 16 -13.12 13.00 -4.58
CA GLU A 16 -13.86 12.80 -5.82
C GLU A 16 -15.37 12.93 -5.63
N LYS A 17 -15.91 12.34 -4.56
N LYS A 17 -15.90 12.39 -4.53
CA LYS A 17 -17.36 12.30 -4.46
CA LYS A 17 -17.35 12.42 -4.32
C LYS A 17 -17.98 13.69 -4.27
C LYS A 17 -17.87 13.84 -4.15
N LYS A 18 -17.20 14.67 -3.82
N LYS A 18 -17.02 14.76 -3.69
CA LYS A 18 -17.67 16.05 -3.67
CA LYS A 18 -17.39 16.16 -3.48
C LYS A 18 -16.91 17.03 -4.58
C LYS A 18 -16.83 17.07 -4.56
N SER A 19 -16.18 16.51 -5.58
CA SER A 19 -15.43 17.31 -6.55
C SER A 19 -14.43 18.25 -5.88
N LEU A 20 -13.73 17.75 -4.87
CA LEU A 20 -12.61 18.46 -4.27
C LEU A 20 -11.33 17.70 -4.59
N GLU A 21 -10.26 18.45 -4.84
CA GLU A 21 -8.98 17.86 -5.18
C GLU A 21 -8.04 17.93 -3.98
N ASP A 22 -7.21 16.91 -3.83
CA ASP A 22 -6.19 16.96 -2.80
C ASP A 22 -5.02 17.81 -3.29
N LYS A 23 -4.10 18.10 -2.38
CA LYS A 23 -3.08 19.10 -2.66
C LYS A 23 -1.99 18.67 -3.65
N THR A 24 -1.83 17.37 -3.93
CA THR A 24 -0.78 16.93 -4.84
C THR A 24 -1.24 16.03 -5.99
N GLU A 25 -2.55 15.76 -6.13
CA GLU A 25 -2.96 14.88 -7.22
C GLU A 25 -2.65 15.48 -8.59
N ARG A 26 -2.59 16.80 -8.67
CA ARG A 26 -2.22 17.41 -9.96
C ARG A 26 -0.83 17.00 -10.40
N GLU A 27 0.09 16.79 -9.46
CA GLU A 27 1.43 16.32 -9.82
C GLU A 27 1.36 14.99 -10.54
N LEU A 28 0.47 14.10 -10.09
CA LEU A 28 0.27 12.84 -10.79
C LEU A 28 -0.27 13.07 -12.20
N LEU A 29 -1.34 13.87 -12.31
CA LEU A 29 -1.96 14.11 -13.60
C LEU A 29 -0.94 14.65 -14.60
N GLU A 30 -0.12 15.61 -14.17
CA GLU A 30 0.85 16.23 -15.07
C GLU A 30 1.89 15.23 -15.59
N SER A 31 2.14 14.15 -14.86
CA SER A 31 3.08 13.13 -15.30
C SER A 31 2.47 12.17 -16.32
N TYR A 32 1.14 12.16 -16.48
CA TYR A 32 0.46 11.21 -17.37
C TYR A 32 0.38 11.82 -18.76
N ILE A 33 1.45 11.65 -19.53
CA ILE A 33 1.65 12.44 -20.74
C ILE A 33 1.12 11.73 -22.00
N ASP A 34 0.21 10.75 -21.86
CA ASP A 34 -0.34 10.04 -23.00
C ASP A 34 -1.86 9.96 -22.94
N GLY A 35 -2.49 10.06 -24.12
CA GLY A 35 -3.92 10.21 -24.23
C GLY A 35 -4.40 11.64 -24.13
N ARG A 36 -3.55 12.55 -23.65
CA ARG A 36 -3.90 13.95 -23.50
C ARG A 36 -3.84 14.64 -24.86
N ILE B 1 7.70 6.33 5.47
CA ILE B 1 7.84 7.10 4.23
C ILE B 1 8.90 8.16 4.45
N VAL B 2 9.89 8.19 3.56
CA VAL B 2 10.98 9.17 3.65
C VAL B 2 10.68 10.32 2.69
N GLU B 3 10.84 11.54 3.19
CA GLU B 3 10.69 12.76 2.39
C GLU B 3 9.28 12.94 1.84
N GLY B 4 8.27 12.47 2.58
CA GLY B 4 6.89 12.68 2.25
C GLY B 4 6.28 13.79 3.08
N SER B 5 4.95 13.81 3.10
CA SER B 5 4.23 14.82 3.87
C SER B 5 3.06 14.19 4.60
N ASP B 6 2.52 14.91 5.57
CA ASP B 6 1.31 14.44 6.24
C ASP B 6 0.18 14.31 5.22
N ALA B 7 -0.52 13.19 5.28
CA ALA B 7 -1.72 13.00 4.47
C ALA B 7 -2.81 13.99 4.90
N GLU B 8 -3.67 14.37 3.95
CA GLU B 8 -4.90 15.07 4.27
C GLU B 8 -5.91 14.09 4.83
N ILE B 9 -6.86 14.60 5.62
CA ILE B 9 -7.91 13.74 6.14
C ILE B 9 -8.70 13.13 4.98
N GLY B 10 -8.90 11.81 5.03
CA GLY B 10 -9.61 11.10 4.00
C GLY B 10 -8.89 10.97 2.67
N MET B 11 -7.58 11.28 2.63
CA MET B 11 -6.85 11.27 1.35
C MET B 11 -6.63 9.86 0.83
N SER B 12 -6.55 8.87 1.72
CA SER B 12 -6.22 7.49 1.37
C SER B 12 -7.14 6.58 2.16
N PRO B 13 -8.44 6.59 1.85
CA PRO B 13 -9.42 5.93 2.73
C PRO B 13 -9.39 4.41 2.61
N TRP B 14 -8.61 3.88 1.68
CA TRP B 14 -8.33 2.46 1.57
C TRP B 14 -7.11 2.03 2.37
N GLN B 15 -6.40 2.95 3.04
N GLN B 15 -6.45 2.95 3.05
CA GLN B 15 -5.20 2.56 3.77
CA GLN B 15 -5.28 2.61 3.87
C GLN B 15 -5.56 1.74 5.02
C GLN B 15 -5.68 1.67 5.00
N VAL B 16 -4.88 0.62 5.19
CA VAL B 16 -5.08 -0.31 6.28
C VAL B 16 -3.78 -0.44 7.05
N MET B 17 -3.88 -0.47 8.37
CA MET B 17 -2.76 -0.77 9.25
C MET B 17 -2.90 -2.22 9.71
N LEU B 18 -1.87 -3.03 9.47
N LEU B 18 -1.88 -3.02 9.43
CA LEU B 18 -1.78 -4.37 10.05
CA LEU B 18 -1.78 -4.33 10.07
C LEU B 18 -1.12 -4.25 11.42
C LEU B 18 -1.18 -4.10 11.46
N PHE B 19 -1.82 -4.69 12.46
CA PHE B 19 -1.48 -4.41 13.84
C PHE B 19 -1.31 -5.71 14.60
N ARG B 20 -0.16 -5.88 15.24
CA ARG B 20 0.10 -7.07 16.04
C ARG B 20 -0.63 -6.96 17.37
N LYS B 21 -1.25 -8.06 17.79
CA LYS B 21 -2.06 -8.06 19.01
C LYS B 21 -1.19 -7.99 20.26
N SER B 22 -0.11 -8.76 20.30
CA SER B 22 0.75 -8.82 21.48
C SER B 22 2.17 -9.15 21.05
N PRO B 23 3.13 -8.23 21.24
CA PRO B 23 2.95 -6.86 21.73
C PRO B 23 2.17 -6.01 20.74
N GLN B 24 1.44 -5.01 21.22
CA GLN B 24 0.66 -4.13 20.35
C GLN B 24 1.61 -3.22 19.59
N GLU B 25 1.72 -3.43 18.27
CA GLU B 25 2.65 -2.64 17.47
C GLU B 25 2.22 -2.70 16.02
N LEU B 26 2.68 -1.72 15.25
CA LEU B 26 2.45 -1.73 13.81
C LEU B 26 3.27 -2.84 13.15
N LEU B 27 2.63 -3.63 12.29
CA LEU B 27 3.35 -4.65 11.53
C LEU B 27 3.60 -4.25 10.10
N CYS B 28 2.67 -3.55 9.47
CA CYS B 28 2.78 -3.31 8.04
C CYS B 28 1.62 -2.42 7.62
N GLY B 29 1.68 -1.96 6.38
CA GLY B 29 0.53 -1.40 5.70
C GLY B 29 -0.22 -2.47 4.91
N ALA B 30 -1.34 -2.05 4.34
CA ALA B 30 -2.25 -2.91 3.59
C ALA B 30 -3.29 -1.97 2.97
N SER B 31 -4.19 -2.54 2.18
CA SER B 31 -5.20 -1.73 1.51
C SER B 31 -6.53 -2.47 1.47
N LEU B 32 -7.60 -1.69 1.48
CA LEU B 32 -8.96 -2.21 1.44
C LEU B 32 -9.43 -2.30 0.00
N ILE B 33 -9.82 -3.49 -0.45
CA ILE B 33 -10.25 -3.67 -1.84
C ILE B 33 -11.72 -4.04 -1.95
N SER B 34 -12.39 -4.34 -0.84
CA SER B 34 -13.83 -4.56 -0.78
C SER B 34 -14.19 -4.48 0.69
N ASP B 35 -15.47 -4.71 1.00
CA ASP B 35 -15.83 -4.66 2.41
C ASP B 35 -15.34 -5.86 3.21
N ARG B 36 -14.76 -6.89 2.57
CA ARG B 36 -14.30 -8.07 3.30
C ARG B 36 -12.86 -8.45 3.00
N TRP B 37 -12.19 -7.80 2.06
CA TRP B 37 -10.87 -8.25 1.61
C TRP B 37 -9.84 -7.13 1.72
N VAL B 38 -8.68 -7.49 2.25
CA VAL B 38 -7.56 -6.59 2.42
C VAL B 38 -6.35 -7.20 1.70
N LEU B 39 -5.63 -6.33 0.98
CA LEU B 39 -4.47 -6.71 0.19
C LEU B 39 -3.22 -6.24 0.91
N THR B 40 -2.18 -7.09 0.94
CA THR B 40 -0.90 -6.72 1.54
C THR B 40 0.24 -7.47 0.85
N ALA B 41 1.45 -7.24 1.35
CA ALA B 41 2.62 -7.97 0.91
C ALA B 41 2.73 -9.29 1.67
N ALA B 42 3.07 -10.35 0.95
CA ALA B 42 3.31 -11.65 1.59
C ALA B 42 4.35 -11.55 2.70
N HIS B 43 5.39 -10.74 2.51
CA HIS B 43 6.45 -10.71 3.52
C HIS B 43 5.98 -10.07 4.83
N CYS B 44 4.82 -9.40 4.82
CA CYS B 44 4.25 -8.91 6.05
C CYS B 44 3.75 -10.03 6.93
N LEU B 45 3.45 -11.16 6.34
CA LEU B 45 2.90 -12.31 7.05
C LEU B 45 3.86 -13.47 7.14
N LEU B 46 4.74 -13.64 6.15
CA LEU B 46 5.60 -14.80 6.08
C LEU B 46 6.96 -14.37 5.58
N TYR B 47 7.97 -14.47 6.43
CA TYR B 47 9.34 -14.13 6.05
C TYR B 47 10.29 -14.91 6.96
N PRO B 48 10.57 -16.15 6.61
CA PRO B 48 11.36 -17.05 7.48
C PRO B 48 12.72 -16.51 7.85
N PRO B 49 13.42 -15.76 7.01
CA PRO B 49 14.74 -15.25 7.43
C PRO B 49 14.69 -14.42 8.71
N TRP B 50 13.54 -13.81 8.98
CA TRP B 50 13.33 -13.00 10.19
C TRP B 50 12.43 -13.69 11.19
N ASP B 51 12.20 -14.99 11.02
CA ASP B 51 11.36 -15.78 11.92
C ASP B 51 9.93 -15.25 11.97
N LYS B 52 9.44 -14.75 10.84
CA LYS B 52 8.10 -14.21 10.75
C LYS B 52 7.17 -15.21 10.06
N ASN B 53 6.10 -15.58 10.75
CA ASN B 53 5.11 -16.49 10.21
C ASN B 53 3.83 -16.31 11.02
N PHE B 54 3.05 -15.29 10.67
CA PHE B 54 1.89 -14.97 11.46
C PHE B 54 0.70 -15.84 11.08
N THR B 55 -0.14 -16.13 12.07
CA THR B 55 -1.43 -16.74 11.85
C THR B 55 -2.51 -15.67 12.03
N GLU B 56 -3.73 -16.02 11.66
CA GLU B 56 -4.83 -15.06 11.68
C GLU B 56 -5.00 -14.44 13.07
N ASN B 57 -4.91 -15.24 14.13
CA ASN B 57 -5.25 -14.72 15.44
C ASN B 57 -4.14 -13.88 16.05
N ASP B 58 -3.00 -13.77 15.37
CA ASP B 58 -1.93 -12.89 15.84
C ASP B 58 -2.18 -11.43 15.53
N LEU B 59 -3.14 -11.13 14.66
CA LEU B 59 -3.20 -9.87 13.94
C LEU B 59 -4.58 -9.24 14.01
N LEU B 60 -4.60 -7.92 13.88
CA LEU B 60 -5.80 -7.15 13.63
C LEU B 60 -5.52 -6.23 12.45
N VAL B 61 -6.61 -5.72 11.87
N VAL B 61 -6.57 -5.82 11.76
CA VAL B 61 -6.57 -4.76 10.77
CA VAL B 61 -6.47 -4.73 10.81
C VAL B 61 -7.33 -3.51 11.20
C VAL B 61 -7.21 -3.53 11.38
N ARG B 62 -6.66 -2.36 11.15
CA ARG B 62 -7.23 -1.09 11.60
C ARG B 62 -7.43 -0.22 10.37
N ILE B 63 -8.66 0.16 10.12
CA ILE B 63 -9.07 0.80 8.88
C ILE B 63 -9.63 2.18 9.22
N GLY B 64 -9.42 3.15 8.35
CA GLY B 64 -9.89 4.49 8.60
C GLY B 64 -8.96 5.37 9.39
N LYS B 65 -7.70 4.95 9.59
CA LYS B 65 -6.80 5.66 10.47
C LYS B 65 -6.10 6.83 9.80
N HIS B 66 -5.64 7.74 10.65
CA HIS B 66 -4.81 8.87 10.28
C HIS B 66 -3.62 8.95 11.23
N SER B 67 -3.90 9.14 12.52
CA SER B 67 -2.87 9.04 13.54
C SER B 67 -2.25 7.65 13.56
N ARG B 68 -0.92 7.59 13.68
CA ARG B 68 -0.23 6.31 13.82
C ARG B 68 -0.61 5.61 15.12
N THR B 69 -0.47 6.31 16.26
CA THR B 69 -0.49 5.63 17.54
C THR B 69 -1.80 5.75 18.30
N ARG B 70 -2.62 6.77 17.99
N ARG B 70 -2.65 6.71 17.98
CA ARG B 70 -3.86 7.03 18.70
CA ARG B 70 -3.81 7.00 18.80
C ARG B 70 -4.90 5.96 18.37
C ARG B 70 -5.00 6.16 18.34
N TYR B 71 -5.81 5.74 19.32
CA TYR B 71 -7.04 5.00 19.04
C TYR B 71 -8.07 6.03 18.61
N GLU B 72 -8.43 6.00 17.33
CA GLU B 72 -9.21 7.07 16.72
C GLU B 72 -10.69 6.73 16.86
N ARG B 73 -11.16 6.93 18.09
CA ARG B 73 -12.52 6.62 18.47
C ARG B 73 -13.53 7.27 17.52
N ASN B 74 -14.54 6.50 17.11
CA ASN B 74 -15.63 6.90 16.22
C ASN B 74 -15.19 7.09 14.77
N ILE B 75 -13.94 6.80 14.46
CA ILE B 75 -13.41 7.00 13.11
C ILE B 75 -12.85 5.69 12.60
N GLU B 76 -11.81 5.17 13.25
CA GLU B 76 -11.24 3.92 12.81
C GLU B 76 -12.14 2.75 13.18
N LYS B 77 -11.98 1.67 12.42
CA LYS B 77 -12.66 0.41 12.67
C LYS B 77 -11.62 -0.70 12.71
N ILE B 78 -11.75 -1.59 13.68
CA ILE B 78 -10.79 -2.65 13.91
C ILE B 78 -11.48 -3.97 13.60
N SER B 79 -10.84 -4.77 12.75
CA SER B 79 -11.43 -6.01 12.24
C SER B 79 -10.49 -7.18 12.53
N MET B 80 -11.10 -8.32 12.83
N MET B 80 -11.11 -8.32 12.82
CA MET B 80 -10.38 -9.58 12.98
CA MET B 80 -10.44 -9.60 12.97
C MET B 80 -10.30 -10.30 11.64
C MET B 80 -10.27 -10.26 11.60
N LEU B 81 -9.29 -11.15 11.51
CA LEU B 81 -9.03 -11.87 10.28
C LEU B 81 -9.69 -13.24 10.33
N GLU B 82 -10.41 -13.58 9.26
CA GLU B 82 -10.92 -14.92 9.10
C GLU B 82 -9.84 -15.84 8.52
N LYS B 83 -9.11 -15.39 7.51
CA LYS B 83 -8.14 -16.25 6.84
C LYS B 83 -7.13 -15.40 6.08
N ILE B 84 -5.89 -15.88 6.09
CA ILE B 84 -4.80 -15.35 5.28
C ILE B 84 -4.57 -16.26 4.08
N TYR B 85 -4.32 -15.67 2.91
CA TYR B 85 -3.93 -16.37 1.70
C TYR B 85 -2.67 -15.75 1.13
N ILE B 86 -1.61 -16.54 1.04
CA ILE B 86 -0.34 -16.08 0.50
C ILE B 86 -0.15 -16.69 -0.88
N HIS B 87 0.42 -15.92 -1.81
CA HIS B 87 0.62 -16.46 -3.14
C HIS B 87 1.43 -17.76 -3.06
N PRO B 88 0.99 -18.84 -3.74
CA PRO B 88 1.69 -20.12 -3.61
C PRO B 88 3.10 -20.13 -4.19
N ARG B 89 3.43 -19.17 -5.04
CA ARG B 89 4.77 -19.07 -5.61
C ARG B 89 5.52 -17.84 -5.12
N TYR B 90 5.09 -17.28 -3.99
CA TYR B 90 5.86 -16.24 -3.33
C TYR B 90 7.26 -16.74 -3.01
N ASN B 91 8.26 -15.97 -3.44
CA ASN B 91 9.65 -16.40 -3.34
C ASN B 91 10.34 -15.58 -2.25
N TRP B 92 10.19 -16.04 -1.02
CA TRP B 92 10.87 -15.39 0.10
C TRP B 92 12.34 -15.79 0.19
N ARG B 93 12.75 -16.82 -0.54
N ARG B 93 12.75 -16.82 -0.55
CA ARG B 93 14.12 -17.29 -0.44
CA ARG B 93 14.11 -17.30 -0.45
C ARG B 93 15.09 -16.36 -1.17
C ARG B 93 15.10 -16.42 -1.19
N GLU B 94 14.67 -15.82 -2.31
CA GLU B 94 15.60 -15.15 -3.22
C GLU B 94 15.32 -13.66 -3.33
N ASN B 95 14.17 -13.26 -3.88
CA ASN B 95 14.01 -11.88 -4.33
C ASN B 95 12.61 -11.34 -4.09
N LEU B 96 11.83 -11.96 -3.22
CA LEU B 96 10.45 -11.54 -2.93
C LEU B 96 9.56 -11.53 -4.18
N ASP B 97 9.85 -12.41 -5.13
CA ASP B 97 8.97 -12.51 -6.29
C ASP B 97 7.56 -12.89 -5.84
N ARG B 98 6.56 -12.23 -6.42
CA ARG B 98 5.15 -12.52 -6.16
C ARG B 98 4.81 -12.20 -4.70
N ASP B 99 5.22 -11.01 -4.26
CA ASP B 99 5.11 -10.60 -2.85
C ASP B 99 3.70 -10.05 -2.61
N ILE B 100 2.75 -10.97 -2.47
CA ILE B 100 1.34 -10.60 -2.41
C ILE B 100 0.60 -11.57 -1.51
N ALA B 101 -0.34 -11.03 -0.74
CA ALA B 101 -1.19 -11.81 0.14
C ALA B 101 -2.52 -11.12 0.29
N LEU B 102 -3.55 -11.92 0.55
CA LEU B 102 -4.90 -11.44 0.83
C LEU B 102 -5.31 -11.86 2.22
N MET B 103 -6.13 -11.02 2.85
CA MET B 103 -6.68 -11.31 4.16
C MET B 103 -8.19 -11.10 4.07
N LYS B 104 -8.96 -12.12 4.44
CA LYS B 104 -10.41 -12.00 4.51
C LYS B 104 -10.82 -11.65 5.93
N LEU B 105 -11.67 -10.64 6.07
CA LEU B 105 -12.13 -10.18 7.37
C LEU B 105 -13.24 -11.07 7.90
N LYS B 106 -13.30 -11.19 9.22
CA LYS B 106 -14.36 -11.98 9.84
C LYS B 106 -15.73 -11.40 9.56
N LYS B 107 -15.84 -10.08 9.47
CA LYS B 107 -17.11 -9.41 9.24
C LYS B 107 -16.88 -8.25 8.27
N PRO B 108 -17.88 -7.89 7.49
CA PRO B 108 -17.70 -6.75 6.58
C PRO B 108 -17.48 -5.46 7.35
N VAL B 109 -16.63 -4.58 6.81
CA VAL B 109 -16.42 -3.26 7.40
C VAL B 109 -17.38 -2.28 6.75
N ALA B 110 -17.97 -1.41 7.56
CA ALA B 110 -18.84 -0.37 7.04
C ALA B 110 -18.01 0.75 6.44
N PHE B 111 -18.34 1.14 5.21
CA PHE B 111 -17.67 2.27 4.58
C PHE B 111 -18.14 3.58 5.22
N SER B 112 -17.30 4.60 5.11
CA SER B 112 -17.56 5.91 5.72
C SER B 112 -16.77 6.96 4.94
N ASP B 113 -16.77 8.19 5.43
CA ASP B 113 -15.90 9.20 4.83
C ASP B 113 -14.42 8.81 4.88
N TYR B 114 -14.02 7.95 5.81
CA TYR B 114 -12.63 7.62 6.09
C TYR B 114 -12.25 6.22 5.64
N ILE B 115 -13.22 5.44 5.18
CA ILE B 115 -13.08 4.02 4.91
C ILE B 115 -13.74 3.76 3.56
N HIS B 116 -12.94 3.41 2.56
CA HIS B 116 -13.51 3.21 1.23
C HIS B 116 -12.51 2.44 0.40
N PRO B 117 -12.96 1.51 -0.46
CA PRO B 117 -12.02 0.67 -1.21
C PRO B 117 -11.38 1.33 -2.42
N VAL B 118 -10.18 0.86 -2.74
CA VAL B 118 -9.44 1.25 -3.93
C VAL B 118 -9.80 0.27 -5.05
N CYS B 119 -9.70 0.71 -6.29
CA CYS B 119 -9.89 -0.21 -7.40
C CYS B 119 -8.63 -1.00 -7.71
N LEU B 120 -8.83 -2.20 -8.25
CA LEU B 120 -7.72 -2.93 -8.81
C LEU B 120 -7.70 -2.75 -10.32
N PRO B 121 -6.51 -2.61 -10.91
CA PRO B 121 -6.42 -2.33 -12.33
C PRO B 121 -6.88 -3.49 -13.19
N ASP B 122 -7.49 -3.15 -14.32
CA ASP B 122 -7.60 -4.12 -15.39
C ASP B 122 -6.42 -3.96 -16.35
N ARG B 123 -6.38 -4.84 -17.36
CA ARG B 123 -5.23 -4.88 -18.27
C ARG B 123 -5.03 -3.54 -18.96
N GLU B 124 -6.11 -2.89 -19.38
CA GLU B 124 -6.00 -1.64 -20.14
C GLU B 124 -5.49 -0.51 -19.25
N THR B 125 -6.00 -0.41 -18.03
N THR B 125 -5.99 -0.41 -18.03
CA THR B 125 -5.53 0.65 -17.15
CA THR B 125 -5.52 0.66 -17.15
C THR B 125 -4.06 0.44 -16.80
C THR B 125 -4.06 0.45 -16.77
N ALA B 126 -3.65 -0.81 -16.57
CA ALA B 126 -2.24 -1.09 -16.32
C ALA B 126 -1.38 -0.71 -17.51
N ALA B 127 -1.80 -1.09 -18.71
CA ALA B 127 -1.00 -0.77 -19.89
C ALA B 127 -0.88 0.73 -20.08
N SER B 128 -1.96 1.46 -19.79
CA SER B 128 -1.95 2.91 -20.00
C SER B 128 -1.07 3.62 -18.97
N LEU B 129 -1.11 3.19 -17.72
CA LEU B 129 -0.52 3.96 -16.66
C LEU B 129 0.84 3.46 -16.18
N LEU B 130 1.17 2.18 -16.38
CA LEU B 130 2.43 1.66 -15.87
C LEU B 130 3.54 1.95 -16.87
N GLN B 131 3.93 3.21 -16.91
CA GLN B 131 4.90 3.70 -17.87
C GLN B 131 5.94 4.52 -17.15
N ALA B 132 7.18 4.42 -17.60
CA ALA B 132 8.26 5.18 -16.98
C ALA B 132 7.95 6.66 -17.01
N GLY B 133 8.18 7.34 -15.87
CA GLY B 133 7.91 8.72 -15.74
C GLY B 133 6.55 9.02 -15.12
N TYR B 134 5.57 8.15 -15.33
CA TYR B 134 4.27 8.34 -14.72
C TYR B 134 4.39 8.15 -13.22
N LYS B 135 3.76 9.04 -12.47
CA LYS B 135 3.85 9.05 -11.01
C LYS B 135 2.70 8.33 -10.34
N GLY B 136 3.03 7.62 -9.26
CA GLY B 136 2.05 7.08 -8.36
C GLY B 136 2.32 7.63 -6.96
N ARG B 137 1.49 7.16 -6.04
CA ARG B 137 1.47 7.65 -4.67
C ARG B 137 1.60 6.51 -3.70
N VAL B 138 2.52 6.64 -2.74
CA VAL B 138 2.76 5.64 -1.71
C VAL B 138 2.43 6.25 -0.38
N THR B 139 1.79 5.47 0.49
CA THR B 139 1.32 5.97 1.77
C THR B 139 1.68 4.95 2.86
N GLY B 140 1.94 5.45 4.06
CA GLY B 140 2.30 4.55 5.13
C GLY B 140 2.65 5.26 6.42
N TRP B 141 2.74 4.45 7.47
CA TRP B 141 3.15 4.90 8.80
C TRP B 141 4.54 4.42 9.17
N GLY B 142 5.33 4.01 8.19
CA GLY B 142 6.65 3.48 8.43
C GLY B 142 7.65 4.57 8.76
N ASN B 143 8.90 4.16 8.91
CA ASN B 143 9.94 5.05 9.36
C ASN B 143 10.15 6.23 8.42
N LEU B 144 10.51 7.37 9.02
CA LEU B 144 10.75 8.60 8.27
C LEU B 144 12.17 8.66 7.71
N LYS B 145 13.07 7.80 8.20
CA LYS B 145 14.46 7.76 7.78
C LYS B 145 14.96 6.32 7.88
N GLU B 146 15.96 6.01 7.06
CA GLU B 146 16.51 4.67 7.10
C GLU B 146 17.08 4.36 8.47
N THR B 147 17.83 5.29 9.03
CA THR B 147 18.40 5.13 10.37
C THR B 147 17.91 6.27 11.24
N TRP B 148 17.42 5.92 12.43
CA TRP B 148 16.93 6.90 13.39
C TRP B 148 17.20 6.41 14.81
N GLY B 155 12.12 10.06 13.47
CA GLY B 155 12.03 8.61 13.58
C GLY B 155 10.75 8.04 12.98
N GLN B 156 9.66 8.14 13.72
CA GLN B 156 8.38 7.62 13.27
C GLN B 156 7.32 8.72 13.26
N PRO B 157 6.36 8.67 12.35
CA PRO B 157 5.45 9.80 12.15
C PRO B 157 4.27 9.82 13.10
N SER B 158 3.75 11.03 13.33
CA SER B 158 2.52 11.17 14.10
C SER B 158 1.31 10.74 13.29
N VAL B 159 1.29 11.05 11.99
CA VAL B 159 0.15 10.73 11.15
C VAL B 159 0.63 10.11 9.83
N LEU B 160 -0.32 9.51 9.12
CA LEU B 160 -0.06 8.88 7.84
C LEU B 160 0.72 9.81 6.91
N GLN B 161 1.73 9.24 6.25
CA GLN B 161 2.60 9.98 5.35
C GLN B 161 2.31 9.59 3.91
N VAL B 162 2.57 10.53 3.01
N VAL B 162 2.55 10.52 3.00
CA VAL B 162 2.27 10.41 1.58
CA VAL B 162 2.26 10.34 1.57
C VAL B 162 3.50 10.89 0.82
C VAL B 162 3.41 10.92 0.76
N VAL B 163 3.80 10.20 -0.29
CA VAL B 163 4.83 10.66 -1.23
C VAL B 163 4.45 10.22 -2.64
N ASN B 164 4.65 11.11 -3.62
CA ASN B 164 4.42 10.80 -5.02
C ASN B 164 5.76 10.52 -5.68
N LEU B 165 5.83 9.42 -6.45
CA LEU B 165 7.10 8.95 -7.00
C LEU B 165 6.90 8.48 -8.44
N PRO B 166 7.87 8.74 -9.31
CA PRO B 166 7.75 8.28 -10.70
C PRO B 166 8.19 6.83 -10.88
N ILE B 167 7.46 6.12 -11.73
CA ILE B 167 7.88 4.80 -12.17
C ILE B 167 9.17 4.94 -12.99
N VAL B 168 10.08 3.98 -12.83
CA VAL B 168 11.40 4.03 -13.45
C VAL B 168 11.49 2.99 -14.55
N GLU B 169 12.25 3.32 -15.59
CA GLU B 169 12.50 2.40 -16.70
C GLU B 169 13.08 1.08 -16.18
N ARG B 170 12.59 -0.04 -16.71
CA ARG B 170 13.05 -1.33 -16.23
C ARG B 170 14.56 -1.53 -16.30
N PRO B 171 15.26 -1.13 -17.36
CA PRO B 171 16.73 -1.28 -17.33
C PRO B 171 17.42 -0.53 -16.20
N VAL B 172 16.92 0.66 -15.85
CA VAL B 172 17.47 1.41 -14.74
C VAL B 172 17.19 0.69 -13.42
N CYS B 173 15.98 0.17 -13.24
CA CYS B 173 15.69 -0.63 -12.07
C CYS B 173 16.68 -1.78 -11.95
N LYS B 174 16.89 -2.50 -13.04
N LYS B 174 16.84 -2.53 -13.03
CA LYS B 174 17.74 -3.68 -12.97
CA LYS B 174 17.74 -3.68 -13.01
C LYS B 174 19.20 -3.32 -12.77
C LYS B 174 19.15 -3.26 -12.66
N ASP B 175 19.63 -2.17 -13.26
CA ASP B 175 21.02 -1.76 -13.11
C ASP B 175 21.31 -1.13 -11.75
N SER B 176 20.29 -0.91 -10.91
CA SER B 176 20.44 -0.30 -9.59
C SER B 176 20.71 -1.32 -8.50
N THR B 177 20.69 -2.61 -8.82
CA THR B 177 20.69 -3.64 -7.78
C THR B 177 21.35 -4.89 -8.34
N ARG B 178 21.81 -5.74 -7.42
CA ARG B 178 22.24 -7.08 -7.76
C ARG B 178 21.11 -8.10 -7.61
N ILE B 179 19.99 -7.73 -6.99
CA ILE B 179 18.85 -8.63 -6.88
C ILE B 179 18.29 -8.91 -8.26
N ARG B 180 17.85 -10.14 -8.49
CA ARG B 180 17.20 -10.51 -9.75
C ARG B 180 15.79 -9.94 -9.77
N ILE B 181 15.52 -9.01 -10.66
CA ILE B 181 14.19 -8.43 -10.80
C ILE B 181 13.35 -9.33 -11.70
N THR B 182 12.04 -9.34 -11.49
CA THR B 182 11.15 -10.09 -12.34
C THR B 182 10.03 -9.20 -12.87
N ASP B 183 9.27 -9.75 -13.83
CA ASP B 183 8.11 -9.04 -14.38
C ASP B 183 7.00 -8.82 -13.34
N ASN B 184 7.07 -9.47 -12.16
CA ASN B 184 6.09 -9.27 -11.11
C ASN B 184 6.44 -8.12 -10.19
N MET B 185 7.42 -7.31 -10.56
CA MET B 185 7.89 -6.16 -9.80
C MET B 185 8.01 -4.99 -10.76
N PHE B 186 7.85 -3.79 -10.23
CA PHE B 186 8.31 -2.58 -10.90
C PHE B 186 8.99 -1.70 -9.88
N CYS B 187 9.76 -0.72 -10.32
CA CYS B 187 10.41 0.14 -9.36
C CYS B 187 10.05 1.59 -9.61
N ALA B 188 10.16 2.38 -8.54
CA ALA B 188 9.82 3.78 -8.59
C ALA B 188 10.73 4.59 -7.67
N GLY B 189 10.86 5.86 -8.00
CA GLY B 189 11.68 6.78 -7.24
C GLY B 189 12.40 7.73 -8.18
N TYR B 190 12.96 8.79 -7.62
CA TYR B 190 13.73 9.75 -8.39
C TYR B 190 15.16 9.29 -8.55
N LYS B 191 15.77 9.70 -9.65
CA LYS B 191 17.17 9.46 -9.91
C LYS B 191 18.01 10.49 -9.15
N PRO B 192 19.28 10.19 -8.89
CA PRO B 192 20.13 11.18 -8.21
C PRO B 192 20.13 12.54 -8.91
N ASP B 193 20.12 12.56 -10.24
CA ASP B 193 20.18 13.84 -10.95
C ASP B 193 18.87 14.62 -10.92
N GLU B 194 17.77 14.01 -10.46
CA GLU B 194 16.47 14.66 -10.53
C GLU B 194 16.21 15.61 -9.36
N GLY B 195 17.06 15.62 -8.34
CA GLY B 195 16.87 16.55 -7.24
C GLY B 195 15.87 16.08 -6.19
N LYS B 196 14.61 15.92 -6.59
CA LYS B 196 13.58 15.49 -5.65
C LYS B 196 13.90 14.10 -5.12
N ARG B 197 13.29 13.75 -3.99
CA ARG B 197 13.56 12.43 -3.46
C ARG B 197 12.31 11.89 -2.78
N GLY B 198 12.48 10.80 -2.03
CA GLY B 198 11.36 10.10 -1.42
C GLY B 198 11.39 8.60 -1.67
N ASP B 199 10.82 7.86 -0.72
CA ASP B 199 10.82 6.40 -0.79
C ASP B 199 9.92 5.87 0.31
N ALA B 200 9.54 4.61 0.17
CA ALA B 200 9.02 3.89 1.30
C ALA B 200 10.16 3.47 2.22
N CYS B 201 9.79 2.99 3.40
CA CYS B 201 10.79 2.53 4.36
C CYS B 201 10.19 1.39 5.19
N GLU B 202 10.97 0.90 6.15
CA GLU B 202 10.45 -0.17 7.01
C GLU B 202 9.17 0.29 7.70
N GLY B 203 8.18 -0.61 7.72
CA GLY B 203 6.88 -0.35 8.26
C GLY B 203 5.87 0.08 7.21
N ASP B 204 6.34 0.50 6.04
CA ASP B 204 5.45 0.81 4.93
C ASP B 204 5.12 -0.41 4.08
N SER B 205 5.87 -1.49 4.24
CA SER B 205 5.63 -2.77 3.58
C SER B 205 4.16 -3.08 3.53
N GLY B 206 3.71 -3.58 2.37
CA GLY B 206 2.33 -4.00 2.22
C GLY B 206 1.34 -2.91 1.88
N GLY B 207 1.72 -1.63 2.04
CA GLY B 207 0.88 -0.53 1.65
C GLY B 207 0.79 -0.34 0.15
N PRO B 208 -0.13 0.52 -0.28
CA PRO B 208 -0.43 0.62 -1.70
C PRO B 208 0.37 1.70 -2.41
N PHE B 209 0.68 1.40 -3.68
CA PHE B 209 1.17 2.36 -4.69
C PHE B 209 -0.03 2.58 -5.60
N VAL B 210 -0.58 3.79 -5.57
CA VAL B 210 -1.82 4.10 -6.28
C VAL B 210 -1.60 5.14 -7.37
N MET B 211 -2.45 5.10 -8.38
CA MET B 211 -2.44 6.07 -9.46
C MET B 211 -3.87 6.50 -9.71
N LYS B 212 -4.08 7.74 -10.10
CA LYS B 212 -5.42 8.24 -10.39
C LYS B 212 -5.62 8.25 -11.90
N SER B 213 -6.50 7.38 -12.39
CA SER B 213 -6.68 7.28 -13.82
C SER B 213 -7.20 8.61 -14.37
N PRO B 214 -6.55 9.18 -15.40
CA PRO B 214 -7.08 10.39 -16.03
C PRO B 214 -8.22 10.11 -16.99
N PHE B 215 -8.56 8.85 -17.21
CA PHE B 215 -9.66 8.45 -18.09
C PHE B 215 -10.99 8.44 -17.36
N ASN B 216 -11.00 7.93 -16.12
CA ASN B 216 -12.25 7.83 -15.35
C ASN B 216 -12.15 8.45 -13.94
N ASN B 217 -11.01 9.08 -13.61
CA ASN B 217 -10.84 9.82 -12.37
C ASN B 217 -11.00 8.96 -11.12
N ARG B 218 -10.67 7.66 -11.21
CA ARG B 218 -10.69 6.75 -10.09
C ARG B 218 -9.27 6.35 -9.73
N TRP B 219 -9.07 6.07 -8.46
CA TRP B 219 -7.81 5.58 -7.95
C TRP B 219 -7.69 4.07 -8.08
N TYR B 220 -6.56 3.64 -8.63
CA TYR B 220 -6.23 2.23 -8.83
C TYR B 220 -4.95 1.89 -8.08
N GLN B 221 -4.94 0.71 -7.46
CA GLN B 221 -3.74 0.22 -6.79
C GLN B 221 -2.91 -0.58 -7.79
N MET B 222 -1.80 0.01 -8.20
CA MET B 222 -0.94 -0.61 -9.20
C MET B 222 0.18 -1.44 -8.56
N GLY B 223 0.56 -1.12 -7.31
CA GLY B 223 1.67 -1.78 -6.68
C GLY B 223 1.45 -1.97 -5.19
N ILE B 224 2.28 -2.84 -4.61
CA ILE B 224 2.34 -3.07 -3.18
C ILE B 224 3.77 -2.81 -2.75
N VAL B 225 3.95 -2.00 -1.71
CA VAL B 225 5.29 -1.75 -1.18
C VAL B 225 5.95 -3.08 -0.83
N SER B 226 7.08 -3.37 -1.48
CA SER B 226 7.74 -4.66 -1.34
C SER B 226 9.17 -4.56 -0.79
N TRP B 227 10.11 -3.95 -1.50
CA TRP B 227 11.48 -3.97 -1.00
C TRP B 227 12.33 -2.82 -1.54
N GLY B 228 13.39 -2.55 -0.79
CA GLY B 228 14.36 -1.55 -1.17
C GLY B 228 15.64 -1.77 -0.39
N GLU B 229 16.75 -1.42 -1.01
CA GLU B 229 18.05 -1.53 -0.35
C GLU B 229 18.26 -0.23 0.42
N GLY B 230 17.98 -0.28 1.71
CA GLY B 230 17.92 0.94 2.51
C GLY B 230 16.59 1.63 2.29
N CYS B 231 16.58 2.93 2.57
CA CYS B 231 15.44 3.80 2.28
C CYS B 231 15.95 5.11 1.73
N ASP B 232 15.43 5.51 0.57
CA ASP B 232 15.73 6.80 -0.04
C ASP B 232 17.22 6.98 -0.32
N ARG B 233 17.92 5.90 -0.65
CA ARG B 233 19.33 6.02 -0.99
C ARG B 233 19.49 6.48 -2.42
N ASP B 234 20.49 7.33 -2.65
CA ASP B 234 20.81 7.75 -4.00
C ASP B 234 21.20 6.55 -4.84
N GLY B 235 20.60 6.45 -6.01
CA GLY B 235 20.88 5.38 -6.95
C GLY B 235 20.14 4.09 -6.69
N LYS B 236 19.40 4.01 -5.59
CA LYS B 236 18.50 2.90 -5.32
C LYS B 236 17.07 3.34 -5.63
N TYR B 237 16.18 2.34 -5.73
CA TYR B 237 14.77 2.58 -5.97
C TYR B 237 13.95 1.67 -5.08
N GLY B 238 12.69 2.04 -4.89
CA GLY B 238 11.76 1.16 -4.23
C GLY B 238 11.14 0.20 -5.24
N PHE B 239 10.92 -1.04 -4.80
CA PHE B 239 10.34 -2.09 -5.63
C PHE B 239 8.98 -2.46 -5.10
N TYR B 240 8.04 -2.62 -6.03
CA TYR B 240 6.63 -2.77 -5.76
C TYR B 240 6.11 -4.00 -6.48
N THR B 241 5.30 -4.78 -5.80
CA THR B 241 4.61 -5.89 -6.45
C THR B 241 3.68 -5.39 -7.54
N HIS B 242 3.76 -6.00 -8.71
CA HIS B 242 2.96 -5.62 -9.86
C HIS B 242 1.57 -6.25 -9.72
N VAL B 243 0.60 -5.45 -9.24
CA VAL B 243 -0.71 -5.98 -8.87
C VAL B 243 -1.42 -6.59 -10.08
N PHE B 244 -1.40 -5.91 -11.21
CA PHE B 244 -2.13 -6.45 -12.34
C PHE B 244 -1.58 -7.81 -12.77
N ARG B 245 -0.24 -7.97 -12.75
CA ARG B 245 0.36 -9.23 -13.17
C ARG B 245 -0.10 -10.39 -12.32
N LEU B 246 -0.51 -10.12 -11.07
CA LEU B 246 -0.93 -11.15 -10.14
C LEU B 246 -2.44 -11.14 -9.94
N LYS B 247 -3.17 -10.39 -10.77
CA LYS B 247 -4.61 -10.27 -10.56
C LYS B 247 -5.35 -11.59 -10.78
N LYS B 248 -4.84 -12.47 -11.64
CA LYS B 248 -5.53 -13.74 -11.85
C LYS B 248 -5.57 -14.53 -10.56
N TRP B 249 -4.47 -14.52 -9.81
CA TRP B 249 -4.45 -15.15 -8.48
C TRP B 249 -5.42 -14.47 -7.53
N ILE B 250 -5.43 -13.12 -7.50
CA ILE B 250 -6.36 -12.41 -6.64
C ILE B 250 -7.78 -12.87 -6.90
N GLN B 251 -8.17 -12.88 -8.18
CA GLN B 251 -9.54 -13.24 -8.52
C GLN B 251 -9.83 -14.70 -8.22
N LYS B 252 -8.86 -15.59 -8.39
CA LYS B 252 -9.07 -16.98 -8.04
C LYS B 252 -9.35 -17.15 -6.56
N VAL B 253 -8.60 -16.44 -5.71
CA VAL B 253 -8.80 -16.54 -4.27
C VAL B 253 -10.17 -16.00 -3.88
N ILE B 254 -10.50 -14.81 -4.36
CA ILE B 254 -11.76 -14.19 -3.96
C ILE B 254 -12.93 -14.99 -4.50
N ASP B 255 -12.83 -15.50 -5.73
CA ASP B 255 -13.89 -16.33 -6.29
C ASP B 255 -14.08 -17.60 -5.49
N GLN B 256 -12.99 -18.22 -5.04
CA GLN B 256 -13.07 -19.52 -4.38
C GLN B 256 -13.51 -19.39 -2.93
N PHE B 257 -13.11 -18.34 -2.25
CA PHE B 257 -13.29 -18.23 -0.81
C PHE B 257 -14.22 -17.07 -0.44
N ASP C 2 3.99 2.93 23.31
CA ASP C 2 3.99 3.79 22.12
C ASP C 2 2.58 3.97 21.58
N PHE C 3 1.83 2.87 21.49
CA PHE C 3 0.47 2.90 20.96
C PHE C 3 -0.56 3.00 22.08
N GLU C 4 -1.59 3.80 21.84
CA GLU C 4 -2.72 3.87 22.76
C GLU C 4 -3.45 2.54 22.77
N GLU C 5 -3.87 2.12 23.98
CA GLU C 5 -4.56 0.85 24.12
C GLU C 5 -5.84 0.87 23.30
N ILE C 6 -6.16 -0.26 22.69
CA ILE C 6 -7.41 -0.37 21.94
C ILE C 6 -8.46 -1.04 22.80
N PRO C 7 -9.74 -0.81 22.55
CA PRO C 7 -10.79 -1.44 23.36
C PRO C 7 -10.58 -2.95 23.47
N GLU C 8 -10.88 -3.49 24.66
CA GLU C 8 -10.60 -4.89 24.92
C GLU C 8 -11.42 -5.80 24.02
N GLU C 9 -12.57 -5.33 23.55
CA GLU C 9 -13.43 -6.12 22.67
C GLU C 9 -12.70 -6.63 21.43
N TYS C 10 -11.68 -5.93 20.97
CA TYS C 10 -10.96 -6.36 19.79
CB TYS C 10 -10.26 -5.17 19.10
CG TYS C 10 -11.30 -4.14 18.77
CD1 TYS C 10 -12.31 -4.47 17.88
CD2 TYS C 10 -11.25 -2.89 19.37
CE1 TYS C 10 -13.28 -3.53 17.58
CE2 TYS C 10 -12.23 -1.95 19.06
CZ TYS C 10 -13.24 -2.27 18.17
OH TYS C 10 -14.21 -1.32 17.85
S TYS C 10 -14.00 -0.35 16.63
O1 TYS C 10 -14.15 -1.13 15.45
O2 TYS C 10 -15.05 0.63 16.70
O3 TYS C 10 -12.56 0.40 16.77
C TYS C 10 -9.90 -7.38 20.08
O TYS C 10 -9.39 -8.01 19.12
H TYS C 10 -11.41 -5.20 21.38
HA TYS C 10 -11.58 -6.74 19.15
HB2 TYS C 10 -9.82 -5.48 18.29
HB3 TYS C 10 -9.59 -4.79 19.69
HD1 TYS C 10 -12.33 -5.31 17.48
HD2 TYS C 10 -10.58 -2.69 19.97
HE1 TYS C 10 -13.95 -3.73 16.97
HE2 TYS C 10 -12.20 -1.10 19.45
HO3 TYS C 10 -12.31 0.96 16.18
N LEU C 11 -9.54 -7.56 21.34
CA LEU C 11 -8.49 -8.52 21.70
C LEU C 11 -9.09 -9.84 22.17
N GLN C 12 -10.39 -9.87 22.39
CA GLN C 12 -11.06 -11.06 22.88
C GLN C 12 -11.37 -12.02 21.72
C1 NAG D . 4.77 -20.87 8.60
C2 NAG D . 5.31 -22.16 8.01
C3 NAG D . 4.19 -23.19 7.86
C4 NAG D . 3.45 -23.36 9.19
C5 NAG D . 3.00 -22.00 9.72
C6 NAG D . 2.39 -22.08 11.10
C7 NAG D . 7.25 -21.70 6.60
C8 NAG D . 7.75 -21.46 5.20
N2 NAG D . 5.94 -21.91 6.73
O3 NAG D . 4.73 -24.44 7.45
O4 NAG D . 2.31 -24.20 9.00
O5 NAG D . 4.14 -21.14 9.84
O6 NAG D . 1.16 -22.78 11.08
O7 NAG D . 8.02 -21.70 7.57
NA NA E . 21.71 -5.50 -11.82
NA NA F . 16.70 6.44 -4.30
P PO4 G . 10.91 -17.82 -9.06
O1 PO4 G . 9.84 -18.38 -8.12
O2 PO4 G . 12.19 -18.61 -8.88
O3 PO4 G . 11.13 -16.37 -8.69
O4 PO4 G . 10.42 -17.92 -10.47
C1 GOL H . 10.12 -5.08 7.05
O1 GOL H . 11.33 -4.39 6.80
C2 GOL H . 9.08 -4.07 7.50
O2 GOL H . 8.88 -3.11 6.51
C3 GOL H . 7.76 -4.74 7.87
O3 GOL H . 6.91 -3.71 8.34
S DMS I . 7.00 -0.56 -15.60
O DMS I . 8.13 -1.39 -15.12
C1 DMS I . 7.70 0.68 -16.74
C2 DMS I . 6.05 -1.52 -16.82
C4 71U J . 14.76 -8.96 -1.88
C5 71U J . 15.34 -10.17 -1.15
C6 71U J . 15.19 -10.01 0.34
N1 71U J . 13.22 -6.23 2.77
C7 71U J . 15.82 -8.72 0.82
C8 71U J . 14.03 -5.42 2.08
N2 71U J . 10.61 -3.79 2.64
C9 71U J . 13.58 -7.47 3.48
C10 71U J . 12.24 -8.08 3.84
C11 71U J . 11.32 -6.88 4.00
C12 71U J . 11.79 -5.91 2.90
N3 71U J . 14.08 -1.43 3.07
C13 71U J . 11.57 -4.46 3.30
C14 71U J . 10.31 -2.40 2.96
C15 71U J . 10.77 -1.43 1.91
O1 71U J . 13.61 -4.41 1.54
C 71U J . 15.55 -5.78 1.99
C1 71U J . 15.89 -6.20 0.57
C2 71U J . 15.22 -7.50 0.12
C3 71U J . 15.39 -7.68 -1.38
N 71U J . 16.31 -4.57 2.30
O 71U J . 12.23 -3.95 4.21
C20 71U J . 11.92 -0.63 2.14
C21 71U J . 12.78 -0.81 3.34
C19 71U J . 12.26 0.32 1.19
C18 71U J . 11.52 0.50 0.04
C17 71U J . 10.42 -0.31 -0.18
CL 71U J . 9.50 -0.15 -1.64
C16 71U J . 10.06 -1.27 0.74
#